data_1KU8
#
_entry.id   1KU8
#
_cell.length_a   58.795
_cell.length_b   82.612
_cell.length_c   63.482
_cell.angle_alpha   90.00
_cell.angle_beta   106.80
_cell.angle_gamma   90.00
#
_symmetry.space_group_name_H-M   'P 1 21 1'
#
loop_
_entity.id
_entity.type
_entity.pdbx_description
1 polymer 'JACALIN ALPHA CHAIN'
2 polymer 'JACALIN BETA CHAIN'
3 water water
#
loop_
_entity_poly.entity_id
_entity_poly.type
_entity_poly.pdbx_seq_one_letter_code
_entity_poly.pdbx_strand_id
1 'polypeptide(L)'
;GKAFDDGAFTGIREINLSYNKETAIGDFQVVYDLNGSPYVGQNHKSFITGFTPVKISLDFPSEYIMEVSGYTGNVSGYVV
VRSLTFKTNKKTYGPYGVTSGTPFNLPIENGLIVGFKGSIGYWLDYFSMYLSL
;
A,C,E,G
2 'polypeptide(L)' NEQSGISQTVIVGPWGAK B,D,F,H
#
# COMPACT_ATOMS: atom_id res chain seq x y z
N GLY A 1 -32.07 2.39 -6.32
CA GLY A 1 -31.46 2.93 -7.56
C GLY A 1 -30.55 1.89 -8.20
N LYS A 2 -29.86 2.28 -9.27
CA LYS A 2 -28.94 1.40 -9.98
C LYS A 2 -27.52 1.57 -9.40
N ALA A 3 -26.92 0.46 -9.02
CA ALA A 3 -25.57 0.52 -8.43
C ALA A 3 -24.49 0.65 -9.49
N PHE A 4 -23.36 1.23 -9.10
CA PHE A 4 -22.23 1.34 -10.01
C PHE A 4 -20.95 1.25 -9.22
N ASP A 5 -19.87 0.92 -9.92
CA ASP A 5 -18.55 0.79 -9.29
C ASP A 5 -17.52 1.04 -10.41
N ASP A 6 -16.97 2.25 -10.44
CA ASP A 6 -16.00 2.57 -11.48
C ASP A 6 -14.71 1.79 -11.31
N GLY A 7 -14.33 1.55 -10.06
CA GLY A 7 -13.10 0.82 -9.75
C GLY A 7 -12.01 1.76 -9.32
N ALA A 8 -10.75 1.29 -9.26
CA ALA A 8 -9.60 2.11 -8.83
C ALA A 8 -8.67 2.45 -10.00
N PHE A 9 -8.09 3.65 -9.97
CA PHE A 9 -7.23 4.16 -11.03
C PHE A 9 -5.99 4.88 -10.48
N THR A 10 -5.34 5.71 -11.32
CA THR A 10 -4.11 6.44 -10.92
C THR A 10 -4.35 7.85 -10.35
N GLY A 11 -5.54 8.41 -10.60
CA GLY A 11 -5.86 9.74 -10.14
C GLY A 11 -7.17 10.25 -10.74
N ILE A 12 -7.44 11.53 -10.57
CA ILE A 12 -8.68 12.15 -11.07
C ILE A 12 -8.39 13.40 -11.91
N ARG A 13 -9.02 13.48 -13.09
CA ARG A 13 -8.84 14.61 -13.99
C ARG A 13 -10.06 15.54 -14.05
N GLU A 14 -11.26 14.98 -13.95
CA GLU A 14 -12.45 15.81 -14.03
C GLU A 14 -13.68 15.13 -13.46
N ILE A 15 -14.57 15.92 -12.87
CA ILE A 15 -15.83 15.36 -12.37
C ILE A 15 -17.01 16.11 -13.02
N ASN A 16 -17.96 15.37 -13.59
CA ASN A 16 -19.11 16.01 -14.23
C ASN A 16 -20.33 15.50 -13.48
N LEU A 17 -20.98 16.37 -12.70
CA LEU A 17 -22.16 15.99 -11.94
C LEU A 17 -23.29 16.99 -12.20
N SER A 18 -24.51 16.62 -11.85
CA SER A 18 -25.63 17.57 -12.01
C SER A 18 -26.33 17.65 -10.65
N TYR A 19 -26.95 18.79 -10.38
CA TYR A 19 -27.64 18.98 -9.10
C TYR A 19 -28.92 19.79 -9.29
N ASN A 20 -29.77 19.81 -8.26
CA ASN A 20 -31.03 20.58 -8.28
C ASN A 20 -30.98 21.39 -6.95
N LYS A 21 -31.21 22.70 -7.02
CA LYS A 21 -31.12 23.53 -5.81
C LYS A 21 -32.28 23.37 -4.82
N GLU A 22 -33.23 22.49 -5.13
CA GLU A 22 -34.35 22.22 -4.24
C GLU A 22 -34.42 20.77 -3.78
N THR A 23 -33.74 19.85 -4.47
CA THR A 23 -33.76 18.45 -4.05
C THR A 23 -32.41 17.83 -3.66
N ALA A 24 -31.66 17.33 -4.64
CA ALA A 24 -30.39 16.68 -4.34
C ALA A 24 -29.47 16.49 -5.56
N ILE A 25 -28.40 15.72 -5.37
CA ILE A 25 -27.47 15.42 -6.45
C ILE A 25 -28.12 14.41 -7.40
N GLY A 26 -27.89 14.59 -8.70
CA GLY A 26 -28.44 13.71 -9.71
C GLY A 26 -27.36 12.92 -10.41
N ASP A 27 -27.06 13.26 -11.67
CA ASP A 27 -26.06 12.56 -12.49
C ASP A 27 -24.63 12.63 -11.90
N PHE A 28 -23.82 11.59 -12.13
CA PHE A 28 -22.42 11.59 -11.63
C PHE A 28 -21.52 10.85 -12.61
N GLN A 29 -20.41 11.48 -13.01
CA GLN A 29 -19.48 10.87 -13.98
C GLN A 29 -18.07 11.37 -13.68
N VAL A 30 -17.07 10.57 -13.99
CA VAL A 30 -15.70 11.00 -13.70
C VAL A 30 -14.70 10.61 -14.77
N VAL A 31 -13.78 11.52 -15.10
CA VAL A 31 -12.71 11.22 -16.03
C VAL A 31 -11.49 11.00 -15.10
N TYR A 32 -11.05 9.74 -14.99
CA TYR A 32 -9.88 9.45 -14.13
C TYR A 32 -8.57 9.54 -14.92
N ASP A 33 -7.45 9.32 -14.22
CA ASP A 33 -6.18 9.20 -14.93
C ASP A 33 -5.84 7.72 -14.81
N LEU A 34 -5.38 7.12 -15.90
CA LEU A 34 -4.97 5.71 -15.85
C LEU A 34 -3.57 5.72 -16.42
N ASN A 35 -2.56 5.70 -15.53
CA ASN A 35 -1.16 5.71 -15.96
C ASN A 35 -0.80 6.75 -17.03
N GLY A 36 -1.34 7.94 -16.89
CA GLY A 36 -1.05 9.01 -17.82
C GLY A 36 -2.07 9.34 -18.90
N SER A 37 -3.03 8.44 -19.12
CA SER A 37 -4.07 8.67 -20.14
C SER A 37 -5.41 8.89 -19.46
N PRO A 38 -6.24 9.79 -20.03
CA PRO A 38 -7.56 10.02 -19.41
C PRO A 38 -8.38 8.74 -19.60
N TYR A 39 -9.14 8.35 -18.57
CA TYR A 39 -10.00 7.18 -18.59
C TYR A 39 -11.40 7.77 -18.39
N VAL A 40 -12.19 7.75 -19.46
CA VAL A 40 -13.51 8.34 -19.35
C VAL A 40 -14.49 7.38 -18.74
N GLY A 41 -14.84 7.61 -17.48
CA GLY A 41 -15.78 6.74 -16.82
C GLY A 41 -17.16 6.87 -17.41
N GLN A 42 -18.00 5.86 -17.21
CA GLN A 42 -19.37 5.94 -17.72
C GLN A 42 -20.20 6.96 -16.91
N ASN A 43 -21.19 7.54 -17.57
CA ASN A 43 -22.06 8.52 -16.93
C ASN A 43 -23.16 7.77 -16.18
N HIS A 44 -23.24 7.97 -14.86
CA HIS A 44 -24.27 7.32 -14.06
C HIS A 44 -25.40 8.36 -13.98
N LYS A 45 -26.53 8.01 -14.60
CA LYS A 45 -27.68 8.92 -14.73
C LYS A 45 -28.89 8.82 -13.81
N SER A 46 -29.41 9.98 -13.43
CA SER A 46 -30.62 9.99 -12.61
C SER A 46 -31.76 9.46 -13.49
N PHE A 47 -32.80 8.95 -12.84
CA PHE A 47 -34.00 8.45 -13.53
C PHE A 47 -34.93 9.62 -13.97
N ILE A 48 -34.64 10.84 -13.51
CA ILE A 48 -35.45 12.01 -13.87
C ILE A 48 -34.64 13.18 -14.43
N THR A 49 -35.34 14.17 -14.96
CA THR A 49 -34.70 15.33 -15.56
C THR A 49 -34.73 16.55 -14.65
N GLY A 50 -34.28 17.68 -15.16
CA GLY A 50 -34.32 18.92 -14.39
C GLY A 50 -33.10 19.35 -13.61
N PHE A 51 -31.98 18.63 -13.74
CA PHE A 51 -30.78 19.00 -13.00
C PHE A 51 -29.92 20.01 -13.74
N THR A 52 -29.05 20.70 -12.99
CA THR A 52 -28.12 21.68 -13.55
C THR A 52 -26.73 21.03 -13.62
N PRO A 53 -26.13 20.95 -14.82
CA PRO A 53 -24.80 20.33 -14.89
C PRO A 53 -23.64 21.26 -14.53
N VAL A 54 -22.58 20.68 -13.96
CA VAL A 54 -21.37 21.43 -13.63
C VAL A 54 -20.18 20.55 -14.00
N LYS A 55 -19.15 21.18 -14.55
CA LYS A 55 -17.93 20.50 -14.93
C LYS A 55 -16.80 20.99 -14.01
N ILE A 56 -16.20 20.06 -13.26
CA ILE A 56 -15.09 20.39 -12.35
C ILE A 56 -13.82 19.88 -13.05
N SER A 57 -13.09 20.79 -13.66
CA SER A 57 -11.87 20.46 -14.39
C SER A 57 -10.61 20.71 -13.58
N LEU A 58 -10.02 19.64 -13.03
CA LEU A 58 -8.80 19.77 -12.25
C LEU A 58 -7.51 19.90 -13.07
N ASP A 59 -6.56 20.65 -12.55
CA ASP A 59 -5.27 20.80 -13.23
C ASP A 59 -4.36 19.63 -12.80
N PHE A 60 -4.69 18.40 -13.26
CA PHE A 60 -3.93 17.17 -12.93
C PHE A 60 -2.54 17.27 -13.58
N PRO A 61 -1.49 16.85 -12.88
CA PRO A 61 -1.39 16.28 -11.54
C PRO A 61 -1.11 17.23 -10.40
N SER A 62 -0.84 18.51 -10.67
CA SER A 62 -0.53 19.40 -9.56
C SER A 62 -1.74 19.71 -8.68
N GLU A 63 -2.97 19.66 -9.23
CA GLU A 63 -4.18 19.90 -8.44
C GLU A 63 -4.89 18.57 -8.11
N TYR A 64 -5.24 18.35 -6.83
CA TYR A 64 -5.87 17.10 -6.43
C TYR A 64 -6.79 17.35 -5.24
N ILE A 65 -7.83 16.53 -5.12
CA ILE A 65 -8.81 16.66 -4.01
C ILE A 65 -8.22 16.33 -2.63
N MET A 66 -8.42 17.25 -1.69
CA MET A 66 -7.95 17.11 -0.31
C MET A 66 -9.10 16.85 0.66
N GLU A 67 -10.33 17.19 0.28
CA GLU A 67 -11.47 16.89 1.14
C GLU A 67 -12.78 16.78 0.38
N VAL A 68 -13.57 15.76 0.71
CA VAL A 68 -14.88 15.63 0.10
C VAL A 68 -15.85 15.75 1.28
N SER A 69 -16.83 16.65 1.17
CA SER A 69 -17.82 16.86 2.22
C SER A 69 -19.19 17.07 1.61
N GLY A 70 -20.25 17.03 2.43
CA GLY A 70 -21.61 17.22 1.89
C GLY A 70 -22.68 16.96 2.92
N TYR A 71 -23.88 16.63 2.44
CA TYR A 71 -25.03 16.34 3.31
C TYR A 71 -25.82 15.16 2.78
N THR A 72 -26.34 14.32 3.67
CA THR A 72 -27.22 13.23 3.23
C THR A 72 -28.54 13.51 3.97
N GLY A 73 -29.67 13.13 3.39
CA GLY A 73 -30.92 13.41 4.08
C GLY A 73 -32.12 12.96 3.31
N ASN A 74 -33.28 13.06 3.94
CA ASN A 74 -34.52 12.64 3.32
C ASN A 74 -35.03 13.53 2.21
N VAL A 75 -35.44 12.89 1.13
CA VAL A 75 -36.04 13.54 -0.03
C VAL A 75 -37.09 12.48 -0.42
N SER A 76 -38.37 12.87 -0.42
CA SER A 76 -39.43 11.92 -0.75
C SER A 76 -39.43 10.73 0.20
N GLY A 77 -38.94 10.97 1.41
CA GLY A 77 -38.90 9.93 2.42
C GLY A 77 -37.61 9.14 2.61
N TYR A 78 -36.91 8.83 1.53
CA TYR A 78 -35.67 8.06 1.71
C TYR A 78 -34.38 8.86 1.69
N VAL A 79 -33.33 8.28 2.26
CA VAL A 79 -32.04 8.95 2.37
C VAL A 79 -31.28 8.97 1.05
N VAL A 80 -30.75 10.16 0.72
CA VAL A 80 -29.95 10.33 -0.49
C VAL A 80 -28.85 11.35 -0.20
N VAL A 81 -27.92 11.52 -1.13
CA VAL A 81 -26.85 12.51 -0.93
C VAL A 81 -27.39 13.83 -1.51
N ARG A 82 -27.70 14.78 -0.63
CA ARG A 82 -28.28 16.05 -1.03
C ARG A 82 -27.34 17.16 -1.51
N SER A 83 -26.08 17.14 -1.04
CA SER A 83 -25.12 18.16 -1.44
C SER A 83 -23.70 17.59 -1.47
N LEU A 84 -22.82 18.18 -2.27
CA LEU A 84 -21.42 17.77 -2.34
C LEU A 84 -20.50 19.00 -2.50
N THR A 85 -19.32 18.95 -1.88
CA THR A 85 -18.34 20.02 -2.03
C THR A 85 -17.00 19.32 -2.21
N PHE A 86 -16.17 19.82 -3.15
CA PHE A 86 -14.85 19.23 -3.42
C PHE A 86 -13.80 20.30 -3.19
N LYS A 87 -12.92 20.07 -2.22
CA LYS A 87 -11.86 21.03 -1.91
C LYS A 87 -10.54 20.47 -2.42
N THR A 88 -9.83 21.23 -3.25
CA THR A 88 -8.52 20.76 -3.73
C THR A 88 -7.44 21.63 -3.07
N ASN A 89 -6.19 21.38 -3.44
CA ASN A 89 -5.08 22.17 -2.91
C ASN A 89 -5.06 23.56 -3.57
N LYS A 90 -5.90 23.78 -4.56
CA LYS A 90 -5.95 25.07 -5.25
C LYS A 90 -7.25 25.88 -5.05
N LYS A 91 -8.39 25.22 -4.89
CA LYS A 91 -9.63 25.96 -4.68
C LYS A 91 -10.78 25.07 -4.26
N THR A 92 -11.96 25.65 -4.09
CA THR A 92 -13.14 24.87 -3.66
C THR A 92 -14.22 24.89 -4.73
N TYR A 93 -14.81 23.72 -4.99
CA TYR A 93 -15.88 23.58 -5.96
C TYR A 93 -17.14 23.15 -5.24
N GLY A 94 -18.16 24.03 -5.24
CA GLY A 94 -19.42 23.75 -4.57
C GLY A 94 -19.66 24.76 -3.45
N PRO A 95 -20.64 24.54 -2.57
CA PRO A 95 -21.53 23.37 -2.54
C PRO A 95 -22.49 23.32 -3.71
N TYR A 96 -22.81 22.09 -4.10
CA TYR A 96 -23.78 21.84 -5.15
C TYR A 96 -24.94 21.10 -4.53
N GLY A 97 -26.15 21.57 -4.77
CA GLY A 97 -27.30 20.88 -4.21
C GLY A 97 -27.96 21.63 -3.09
N VAL A 98 -28.47 20.90 -2.11
CA VAL A 98 -29.14 21.52 -0.97
C VAL A 98 -28.39 21.12 0.31
N THR A 99 -27.92 22.12 1.06
CA THR A 99 -27.16 21.83 2.26
C THR A 99 -28.02 21.67 3.50
N SER A 100 -28.78 20.58 3.53
CA SER A 100 -29.70 20.27 4.62
C SER A 100 -29.60 18.78 4.96
N GLY A 101 -29.82 18.44 6.22
CA GLY A 101 -29.77 17.06 6.61
C GLY A 101 -28.61 16.79 7.57
N THR A 102 -27.94 15.66 7.38
CA THR A 102 -26.80 15.28 8.24
C THR A 102 -25.49 15.52 7.49
N PRO A 103 -24.60 16.36 8.05
CA PRO A 103 -23.36 16.57 7.31
C PRO A 103 -22.39 15.39 7.40
N PHE A 104 -21.36 15.44 6.55
CA PHE A 104 -20.32 14.42 6.57
C PHE A 104 -19.11 15.03 5.92
N ASN A 105 -17.96 14.46 6.16
CA ASN A 105 -16.78 14.96 5.51
C ASN A 105 -15.63 13.98 5.62
N LEU A 106 -14.85 13.92 4.55
CA LEU A 106 -13.67 13.06 4.51
C LEU A 106 -12.45 13.89 4.08
N PRO A 107 -11.65 14.37 5.06
CA PRO A 107 -10.44 15.16 4.82
C PRO A 107 -9.33 14.14 4.64
N ILE A 108 -8.37 14.46 3.77
CA ILE A 108 -7.26 13.53 3.54
C ILE A 108 -5.98 14.25 3.90
N GLU A 109 -5.21 13.69 4.85
CA GLU A 109 -3.93 14.28 5.25
C GLU A 109 -2.81 13.77 4.36
N ASN A 110 -2.91 12.50 3.93
CA ASN A 110 -1.92 11.87 3.09
C ASN A 110 -2.63 10.80 2.25
N GLY A 111 -2.38 10.82 0.94
CA GLY A 111 -3.05 9.84 0.10
C GLY A 111 -3.93 10.54 -0.95
N LEU A 112 -4.58 9.73 -1.77
CA LEU A 112 -5.39 10.25 -2.88
C LEU A 112 -6.66 9.43 -3.07
N ILE A 113 -7.70 10.09 -3.61
CA ILE A 113 -8.96 9.42 -3.95
C ILE A 113 -8.69 8.92 -5.37
N VAL A 114 -8.89 7.62 -5.61
CA VAL A 114 -8.58 7.04 -6.92
C VAL A 114 -9.75 6.29 -7.55
N GLY A 115 -10.94 6.41 -6.97
CA GLY A 115 -12.08 5.69 -7.53
C GLY A 115 -13.35 5.97 -6.76
N PHE A 116 -14.50 5.80 -7.44
CA PHE A 116 -15.83 6.02 -6.84
C PHE A 116 -16.75 4.83 -7.14
N LYS A 117 -17.66 4.52 -6.22
CA LYS A 117 -18.69 3.50 -6.43
C LYS A 117 -19.94 4.00 -5.67
N GLY A 118 -21.12 3.45 -5.95
CA GLY A 118 -22.33 3.91 -5.26
C GLY A 118 -23.61 3.45 -5.95
N SER A 119 -24.66 4.28 -5.89
CA SER A 119 -25.94 3.93 -6.53
C SER A 119 -26.72 5.18 -6.88
N ILE A 120 -27.37 5.20 -8.06
CA ILE A 120 -28.16 6.38 -8.44
C ILE A 120 -29.58 6.01 -8.93
N GLY A 121 -30.61 6.60 -8.32
CA GLY A 121 -31.99 6.37 -8.73
C GLY A 121 -32.50 7.71 -9.23
N TYR A 122 -33.52 8.25 -8.56
CA TYR A 122 -34.02 9.60 -8.90
C TYR A 122 -32.85 10.52 -8.54
N TRP A 123 -32.16 10.18 -7.46
CA TRP A 123 -30.99 10.94 -6.97
C TRP A 123 -29.85 9.98 -6.53
N LEU A 124 -28.67 10.53 -6.24
CA LEU A 124 -27.52 9.73 -5.78
C LEU A 124 -27.92 9.15 -4.41
N ASP A 125 -28.08 7.83 -4.34
CA ASP A 125 -28.50 7.19 -3.09
C ASP A 125 -27.37 7.11 -2.04
N TYR A 126 -26.18 6.73 -2.50
CA TYR A 126 -25.03 6.62 -1.63
C TYR A 126 -23.77 6.49 -2.47
N PHE A 127 -22.60 6.60 -1.85
CA PHE A 127 -21.36 6.43 -2.61
C PHE A 127 -20.22 6.10 -1.66
N SER A 128 -19.15 5.50 -2.20
CA SER A 128 -17.93 5.18 -1.43
C SER A 128 -16.71 5.60 -2.28
N MET A 129 -15.54 5.74 -1.64
CA MET A 129 -14.33 6.15 -2.39
C MET A 129 -13.15 5.20 -2.14
N TYR A 130 -12.36 4.97 -3.18
CA TYR A 130 -11.16 4.14 -3.10
C TYR A 130 -10.02 5.09 -2.75
N LEU A 131 -9.17 4.75 -1.77
CA LEU A 131 -8.03 5.60 -1.39
C LEU A 131 -6.72 4.87 -1.60
N SER A 132 -5.68 5.59 -1.99
CA SER A 132 -4.38 4.97 -2.21
C SER A 132 -3.26 5.98 -2.11
N LEU A 133 -2.04 5.47 -1.90
CA LEU A 133 -0.85 6.34 -1.91
C LEU A 133 -0.52 6.45 -3.41
N ASN B 1 -3.42 -17.12 5.09
CA ASN B 1 -4.57 -17.02 4.14
C ASN B 1 -4.07 -17.12 2.71
N GLU B 2 -4.91 -17.67 1.84
CA GLU B 2 -4.57 -17.79 0.44
C GLU B 2 -4.88 -16.51 -0.28
N GLN B 3 -3.90 -15.94 -0.98
CA GLN B 3 -4.21 -14.71 -1.71
C GLN B 3 -4.75 -15.03 -3.10
N SER B 4 -5.53 -14.12 -3.67
CA SER B 4 -6.04 -14.33 -5.02
C SER B 4 -5.14 -13.43 -5.86
N GLY B 5 -5.34 -13.42 -7.19
CA GLY B 5 -4.52 -12.57 -8.04
C GLY B 5 -5.11 -11.20 -8.25
N ILE B 6 -6.07 -10.80 -7.42
CA ILE B 6 -6.72 -9.49 -7.55
C ILE B 6 -6.14 -8.49 -6.57
N SER B 7 -5.60 -7.39 -7.09
CA SER B 7 -5.01 -6.34 -6.26
C SER B 7 -6.08 -5.67 -5.39
N GLN B 8 -5.72 -5.35 -4.14
CA GLN B 8 -6.62 -4.72 -3.15
C GLN B 8 -6.35 -3.24 -2.96
N THR B 9 -7.39 -2.50 -2.53
CA THR B 9 -7.29 -1.07 -2.28
C THR B 9 -8.17 -0.69 -1.09
N VAL B 10 -7.72 0.26 -0.28
CA VAL B 10 -8.53 0.73 0.84
C VAL B 10 -9.79 1.38 0.26
N ILE B 11 -10.94 1.22 0.93
CA ILE B 11 -12.18 1.86 0.46
C ILE B 11 -12.91 2.42 1.66
N VAL B 12 -13.29 3.69 1.60
CA VAL B 12 -14.03 4.31 2.70
C VAL B 12 -15.47 4.59 2.25
N GLY B 13 -16.41 4.47 3.19
CA GLY B 13 -17.81 4.68 2.87
C GLY B 13 -18.65 3.47 3.28
N PRO B 14 -19.94 3.44 2.88
CA PRO B 14 -20.61 4.46 2.08
C PRO B 14 -21.28 5.54 2.91
N TRP B 15 -21.57 6.68 2.27
CA TRP B 15 -22.30 7.78 2.91
C TRP B 15 -23.59 7.83 2.10
N GLY B 16 -24.74 7.92 2.77
CA GLY B 16 -26.01 7.93 2.08
C GLY B 16 -26.92 6.86 2.65
N ALA B 17 -27.76 6.27 1.82
CA ALA B 17 -28.67 5.23 2.28
C ALA B 17 -27.88 3.98 2.69
N LYS B 18 -28.21 3.43 3.87
CA LYS B 18 -27.56 2.24 4.46
C LYS B 18 -28.40 0.97 4.30
N GLY C 1 -3.87 22.58 22.75
CA GLY C 1 -3.61 21.14 23.10
C GLY C 1 -2.24 20.66 22.68
N LYS C 2 -1.82 19.51 23.23
CA LYS C 2 -0.53 18.90 22.89
C LYS C 2 -0.71 17.90 21.77
N ALA C 3 -0.05 18.13 20.64
CA ALA C 3 -0.19 17.22 19.51
C ALA C 3 0.49 15.89 19.78
N PHE C 4 -0.06 14.82 19.21
CA PHE C 4 0.55 13.51 19.37
C PHE C 4 0.45 12.75 18.05
N ASP C 5 1.30 11.75 17.87
CA ASP C 5 1.30 10.97 16.63
C ASP C 5 1.96 9.64 16.91
N ASP C 6 1.15 8.59 17.07
CA ASP C 6 1.66 7.25 17.37
C ASP C 6 2.41 6.61 16.18
N GLY C 7 2.00 6.99 14.98
CA GLY C 7 2.55 6.39 13.78
C GLY C 7 1.70 5.18 13.38
N ALA C 8 2.28 4.34 12.53
CA ALA C 8 1.59 3.15 12.02
C ALA C 8 2.13 1.82 12.59
N PHE C 9 1.23 0.84 12.74
CA PHE C 9 1.55 -0.48 13.28
C PHE C 9 0.88 -1.59 12.47
N THR C 10 0.76 -2.79 13.04
CA THR C 10 0.17 -3.95 12.33
C THR C 10 -1.33 -4.15 12.56
N GLY C 11 -1.87 -3.56 13.61
CA GLY C 11 -3.29 -3.70 13.92
C GLY C 11 -3.56 -3.14 15.30
N ILE C 12 -4.77 -3.38 15.81
CA ILE C 12 -5.16 -2.87 17.12
C ILE C 12 -5.64 -4.00 18.04
N ARG C 13 -5.13 -4.03 19.26
CA ARG C 13 -5.52 -5.06 20.24
C ARG C 13 -6.43 -4.48 21.34
N GLU C 14 -6.17 -3.26 21.75
CA GLU C 14 -6.95 -2.65 22.82
C GLU C 14 -6.91 -1.12 22.75
N ILE C 15 -7.99 -0.48 23.19
CA ILE C 15 -8.02 0.98 23.26
C ILE C 15 -8.43 1.31 24.70
N ASN C 16 -7.68 2.21 25.33
CA ASN C 16 -7.94 2.63 26.70
C ASN C 16 -8.20 4.14 26.67
N LEU C 17 -9.45 4.56 26.86
CA LEU C 17 -9.76 5.99 26.82
C LEU C 17 -10.56 6.37 28.05
N SER C 18 -10.73 7.66 28.27
CA SER C 18 -11.51 8.14 29.40
C SER C 18 -12.46 9.22 28.91
N TYR C 19 -13.56 9.44 29.62
CA TYR C 19 -14.50 10.48 29.21
C TYR C 19 -15.21 10.95 30.47
N ASN C 20 -15.97 12.03 30.35
CA ASN C 20 -16.73 12.55 31.48
C ASN C 20 -18.09 12.94 30.92
N LYS C 21 -19.14 12.50 31.60
CA LYS C 21 -20.52 12.76 31.20
C LYS C 21 -20.85 14.25 31.15
N GLU C 22 -20.16 15.04 31.97
CA GLU C 22 -20.38 16.48 32.02
C GLU C 22 -19.65 17.20 30.86
N THR C 23 -18.71 16.50 30.20
CA THR C 23 -17.94 17.16 29.15
C THR C 23 -17.64 16.47 27.80
N ALA C 24 -16.50 15.79 27.69
CA ALA C 24 -16.09 15.13 26.44
C ALA C 24 -15.02 14.05 26.69
N ILE C 25 -14.37 13.60 25.62
CA ILE C 25 -13.33 12.59 25.70
C ILE C 25 -12.08 13.23 26.28
N GLY C 26 -11.38 12.48 27.14
CA GLY C 26 -10.16 12.98 27.77
C GLY C 26 -8.87 12.28 27.35
N ASP C 27 -8.49 11.20 28.03
CA ASP C 27 -7.25 10.45 27.73
C ASP C 27 -7.46 9.45 26.60
N PHE C 28 -6.40 9.12 25.88
CA PHE C 28 -6.52 8.18 24.80
C PHE C 28 -5.22 7.43 24.67
N GLN C 29 -5.32 6.11 24.67
CA GLN C 29 -4.16 5.24 24.55
C GLN C 29 -4.55 3.99 23.79
N VAL C 30 -3.61 3.47 23.01
CA VAL C 30 -3.85 2.29 22.21
C VAL C 30 -2.78 1.21 22.41
N VAL C 31 -3.22 -0.02 22.56
CA VAL C 31 -2.30 -1.16 22.62
C VAL C 31 -2.40 -1.73 21.20
N TYR C 32 -1.33 -1.54 20.42
CA TYR C 32 -1.28 -2.01 19.03
C TYR C 32 -0.76 -3.43 18.88
N ASP C 33 -0.93 -3.98 17.70
CA ASP C 33 -0.29 -5.25 17.45
C ASP C 33 0.90 -4.80 16.64
N LEU C 34 2.09 -5.34 16.92
CA LEU C 34 3.27 -5.05 16.13
C LEU C 34 3.85 -6.41 15.72
N ASN C 35 3.57 -6.82 14.47
CA ASN C 35 4.10 -8.09 13.98
C ASN C 35 3.72 -9.32 14.82
N GLY C 36 2.51 -9.31 15.39
CA GLY C 36 2.04 -10.45 16.17
C GLY C 36 2.21 -10.37 17.66
N SER C 37 2.86 -9.31 18.15
CA SER C 37 3.05 -9.16 19.59
C SER C 37 2.48 -7.81 20.01
N PRO C 38 2.08 -7.69 21.27
CA PRO C 38 1.51 -6.41 21.70
C PRO C 38 2.57 -5.35 21.83
N TYR C 39 2.22 -4.13 21.46
CA TYR C 39 3.08 -2.97 21.59
C TYR C 39 2.27 -1.92 22.35
N VAL C 40 2.75 -1.52 23.54
CA VAL C 40 2.01 -0.57 24.34
C VAL C 40 2.25 0.91 23.90
N GLY C 41 1.22 1.52 23.32
CA GLY C 41 1.32 2.89 22.87
C GLY C 41 1.43 3.91 23.99
N GLN C 42 1.88 5.12 23.67
CA GLN C 42 2.00 6.17 24.67
C GLN C 42 0.60 6.54 25.16
N ASN C 43 0.46 6.85 26.44
CA ASN C 43 -0.84 7.24 26.94
C ASN C 43 -0.92 8.76 26.75
N HIS C 44 -1.89 9.22 25.96
CA HIS C 44 -2.03 10.65 25.69
C HIS C 44 -3.03 11.22 26.66
N LYS C 45 -2.50 11.99 27.61
CA LYS C 45 -3.32 12.51 28.68
C LYS C 45 -3.78 13.96 28.67
N SER C 46 -5.00 14.13 29.14
CA SER C 46 -5.64 15.42 29.29
C SER C 46 -4.82 16.27 30.26
N PHE C 47 -4.99 17.59 30.15
CA PHE C 47 -4.28 18.50 31.05
C PHE C 47 -4.92 18.42 32.44
N ILE C 48 -6.12 17.85 32.52
CA ILE C 48 -6.80 17.72 33.81
C ILE C 48 -7.16 16.27 34.10
N THR C 49 -7.65 16.00 35.31
CA THR C 49 -8.04 14.64 35.70
C THR C 49 -9.49 14.63 36.20
N GLY C 50 -9.98 13.44 36.53
CA GLY C 50 -11.34 13.28 37.00
C GLY C 50 -12.23 12.51 36.02
N PHE C 51 -11.62 11.98 34.96
CA PHE C 51 -12.38 11.23 33.95
C PHE C 51 -12.67 9.78 34.37
N THR C 52 -13.60 9.15 33.66
CA THR C 52 -13.97 7.76 33.89
C THR C 52 -13.25 6.92 32.84
N PRO C 53 -12.35 5.99 33.26
CA PRO C 53 -11.62 5.15 32.30
C PRO C 53 -12.43 3.99 31.73
N VAL C 54 -12.14 3.64 30.48
CA VAL C 54 -12.83 2.51 29.86
C VAL C 54 -11.79 1.76 29.03
N LYS C 55 -11.89 0.44 29.04
CA LYS C 55 -10.97 -0.41 28.29
C LYS C 55 -11.75 -1.18 27.23
N ILE C 56 -11.32 -1.05 25.97
CA ILE C 56 -11.96 -1.75 24.87
C ILE C 56 -10.93 -2.83 24.48
N SER C 57 -11.21 -4.08 24.83
CA SER C 57 -10.31 -5.18 24.53
C SER C 57 -10.86 -5.96 23.34
N LEU C 58 -10.18 -5.87 22.20
CA LEU C 58 -10.63 -6.58 20.99
C LEU C 58 -9.99 -7.98 20.88
N ASP C 59 -10.76 -8.91 20.32
CA ASP C 59 -10.30 -10.29 20.13
C ASP C 59 -9.52 -10.34 18.80
N PHE C 60 -8.31 -9.77 18.87
CA PHE C 60 -7.35 -9.69 17.76
C PHE C 60 -6.72 -11.07 17.54
N PRO C 61 -6.56 -11.50 16.28
CA PRO C 61 -6.89 -10.82 15.02
C PRO C 61 -8.29 -10.97 14.41
N SER C 62 -9.17 -11.82 14.96
CA SER C 62 -10.48 -11.99 14.32
C SER C 62 -11.43 -10.79 14.44
N GLU C 63 -11.24 -9.95 15.46
CA GLU C 63 -12.10 -8.78 15.62
C GLU C 63 -11.37 -7.50 15.20
N TYR C 64 -12.05 -6.67 14.43
CA TYR C 64 -11.44 -5.40 14.01
C TYR C 64 -12.52 -4.32 13.82
N ILE C 65 -12.10 -3.07 13.95
CA ILE C 65 -12.98 -1.89 13.79
C ILE C 65 -13.39 -1.63 12.34
N MET C 66 -14.69 -1.45 12.08
CA MET C 66 -15.19 -1.17 10.73
C MET C 66 -15.78 0.24 10.60
N GLU C 67 -16.05 0.91 11.72
CA GLU C 67 -16.55 2.28 11.65
C GLU C 67 -16.32 3.03 12.94
N VAL C 68 -15.87 4.28 12.81
CA VAL C 68 -15.63 5.13 13.95
C VAL C 68 -16.52 6.36 13.75
N SER C 69 -17.24 6.74 14.79
CA SER C 69 -18.10 7.91 14.71
C SER C 69 -18.14 8.65 16.05
N GLY C 70 -18.81 9.80 16.06
CA GLY C 70 -18.90 10.57 17.28
C GLY C 70 -19.51 11.94 17.01
N TYR C 71 -19.29 12.86 17.94
CA TYR C 71 -19.82 14.22 17.80
C TYR C 71 -18.81 15.27 18.25
N THR C 72 -18.79 16.40 17.56
CA THR C 72 -17.91 17.49 17.94
C THR C 72 -18.81 18.65 18.39
N GLY C 73 -18.35 19.41 19.37
CA GLY C 73 -19.15 20.51 19.87
C GLY C 73 -18.35 21.37 20.82
N ASN C 74 -18.98 22.41 21.37
CA ASN C 74 -18.30 23.33 22.28
C ASN C 74 -18.45 22.97 23.77
N VAL C 75 -17.31 22.92 24.47
CA VAL C 75 -17.26 22.67 25.89
C VAL C 75 -16.39 23.78 26.49
N SER C 76 -16.98 24.62 27.32
CA SER C 76 -16.25 25.74 27.95
C SER C 76 -15.38 26.56 26.99
N GLY C 77 -15.91 26.82 25.79
CA GLY C 77 -15.20 27.62 24.81
C GLY C 77 -14.27 26.87 23.90
N TYR C 78 -14.16 25.56 24.09
CA TYR C 78 -13.29 24.70 23.28
C TYR C 78 -14.13 23.83 22.37
N VAL C 79 -13.77 23.75 21.09
CA VAL C 79 -14.50 22.88 20.16
C VAL C 79 -13.72 21.58 20.18
N VAL C 80 -14.38 20.52 20.69
CA VAL C 80 -13.75 19.21 20.89
C VAL C 80 -14.60 18.01 20.49
N VAL C 81 -14.00 16.82 20.56
CA VAL C 81 -14.68 15.56 20.24
C VAL C 81 -15.39 15.22 21.54
N ARG C 82 -16.72 15.38 21.55
CA ARG C 82 -17.51 15.14 22.76
C ARG C 82 -17.91 13.69 22.98
N SER C 83 -17.83 12.88 21.92
CA SER C 83 -18.24 11.49 22.04
C SER C 83 -17.58 10.63 20.96
N LEU C 84 -17.38 9.34 21.27
CA LEU C 84 -16.79 8.37 20.31
C LEU C 84 -17.52 7.05 20.43
N THR C 85 -17.68 6.37 19.30
CA THR C 85 -18.30 5.06 19.23
C THR C 85 -17.43 4.23 18.29
N PHE C 86 -17.08 3.00 18.68
CA PHE C 86 -16.27 2.14 17.83
C PHE C 86 -17.09 0.91 17.48
N LYS C 87 -17.36 0.71 16.19
CA LYS C 87 -18.14 -0.46 15.78
C LYS C 87 -17.21 -1.46 15.10
N THR C 88 -17.15 -2.69 15.60
CA THR C 88 -16.32 -3.71 14.98
C THR C 88 -17.22 -4.68 14.23
N ASN C 89 -16.61 -5.73 13.67
CA ASN C 89 -17.37 -6.73 12.93
C ASN C 89 -18.11 -7.63 13.92
N LYS C 90 -17.77 -7.50 15.20
CA LYS C 90 -18.41 -8.32 16.22
C LYS C 90 -19.44 -7.56 17.06
N LYS C 91 -19.14 -6.33 17.42
CA LYS C 91 -20.08 -5.58 18.25
C LYS C 91 -19.80 -4.08 18.25
N THR C 92 -20.54 -3.34 19.09
CA THR C 92 -20.37 -1.90 19.20
C THR C 92 -19.94 -1.52 20.61
N TYR C 93 -18.96 -0.63 20.69
CA TYR C 93 -18.40 -0.13 21.94
C TYR C 93 -18.73 1.34 21.99
N GLY C 94 -19.59 1.73 22.94
CA GLY C 94 -19.98 3.13 23.03
C GLY C 94 -21.45 3.30 22.68
N PRO C 95 -21.93 4.55 22.56
CA PRO C 95 -21.19 5.80 22.73
C PRO C 95 -20.67 6.11 24.12
N TYR C 96 -19.46 6.64 24.18
CA TYR C 96 -18.79 7.02 25.42
C TYR C 96 -18.72 8.55 25.40
N GLY C 97 -19.29 9.19 26.41
CA GLY C 97 -19.26 10.64 26.45
C GLY C 97 -20.62 11.25 26.25
N VAL C 98 -20.65 12.44 25.66
CA VAL C 98 -21.88 13.20 25.43
C VAL C 98 -22.24 13.24 23.95
N THR C 99 -23.37 12.66 23.58
CA THR C 99 -23.74 12.60 22.17
C THR C 99 -24.51 13.76 21.53
N SER C 100 -23.99 14.97 21.69
CA SER C 100 -24.66 16.13 21.09
C SER C 100 -23.65 17.04 20.40
N GLY C 101 -24.04 17.59 19.25
CA GLY C 101 -23.17 18.48 18.50
C GLY C 101 -23.30 18.18 17.02
N THR C 102 -22.20 18.26 16.29
CA THR C 102 -22.20 17.98 14.87
C THR C 102 -21.65 16.57 14.71
N PRO C 103 -22.32 15.73 13.93
CA PRO C 103 -21.80 14.38 13.79
C PRO C 103 -20.77 14.20 12.69
N PHE C 104 -19.96 13.15 12.84
CA PHE C 104 -18.95 12.76 11.86
C PHE C 104 -18.92 11.23 11.94
N ASN C 105 -18.61 10.58 10.82
CA ASN C 105 -18.52 9.13 10.78
C ASN C 105 -17.57 8.68 9.70
N LEU C 106 -16.67 7.77 10.06
CA LEU C 106 -15.74 7.20 9.11
C LEU C 106 -16.01 5.71 8.94
N PRO C 107 -16.79 5.36 7.91
CA PRO C 107 -17.08 3.95 7.67
C PRO C 107 -15.97 3.39 6.76
N ILE C 108 -15.50 2.18 7.07
CA ILE C 108 -14.46 1.55 6.28
C ILE C 108 -15.03 0.34 5.61
N GLU C 109 -14.90 0.29 4.29
CA GLU C 109 -15.41 -0.81 3.51
C GLU C 109 -14.32 -1.88 3.32
N ASN C 110 -13.07 -1.45 3.10
CA ASN C 110 -11.94 -2.37 2.92
C ASN C 110 -10.71 -1.70 3.54
N GLY C 111 -9.90 -2.46 4.27
CA GLY C 111 -8.75 -1.83 4.90
C GLY C 111 -8.85 -1.85 6.41
N LEU C 112 -7.80 -1.35 7.08
CA LEU C 112 -7.75 -1.37 8.54
C LEU C 112 -7.18 -0.09 9.13
N ILE C 113 -7.58 0.25 10.34
CA ILE C 113 -7.03 1.41 11.04
C ILE C 113 -5.72 0.83 11.68
N VAL C 114 -4.59 1.44 11.43
CA VAL C 114 -3.33 0.94 11.97
C VAL C 114 -2.57 1.98 12.79
N GLY C 115 -3.25 3.08 13.13
CA GLY C 115 -2.58 4.10 13.93
C GLY C 115 -3.43 5.33 14.15
N PHE C 116 -3.10 6.09 15.19
CA PHE C 116 -3.82 7.32 15.52
C PHE C 116 -2.87 8.47 15.78
N LYS C 117 -3.34 9.68 15.47
CA LYS C 117 -2.62 10.94 15.76
C LYS C 117 -3.68 11.98 16.11
N GLY C 118 -3.27 13.09 16.70
CA GLY C 118 -4.22 14.11 17.09
C GLY C 118 -3.69 15.15 18.06
N SER C 119 -4.59 15.67 18.88
CA SER C 119 -4.20 16.69 19.86
C SER C 119 -5.15 16.60 21.06
N ILE C 120 -4.58 16.67 22.26
CA ILE C 120 -5.36 16.63 23.49
C ILE C 120 -4.87 17.74 24.43
N GLY C 121 -5.80 18.57 24.89
CA GLY C 121 -5.50 19.66 25.82
C GLY C 121 -6.37 19.32 27.01
N TYR C 122 -7.35 20.16 27.39
CA TYR C 122 -8.26 19.76 28.46
C TYR C 122 -9.05 18.54 27.96
N TRP C 123 -9.39 18.52 26.66
CA TRP C 123 -10.13 17.39 26.07
C TRP C 123 -9.56 16.97 24.70
N LEU C 124 -10.07 15.88 24.15
CA LEU C 124 -9.63 15.46 22.81
C LEU C 124 -10.04 16.55 21.78
N ASP C 125 -9.07 17.28 21.25
CA ASP C 125 -9.38 18.37 20.30
C ASP C 125 -9.76 17.87 18.91
N TYR C 126 -8.94 16.98 18.37
CA TYR C 126 -9.17 16.43 17.05
C TYR C 126 -8.28 15.21 16.88
N PHE C 127 -8.56 14.38 15.88
CA PHE C 127 -7.76 13.19 15.63
C PHE C 127 -7.88 12.72 14.19
N SER C 128 -6.87 12.01 13.72
CA SER C 128 -6.86 11.45 12.36
C SER C 128 -6.49 10.00 12.49
N MET C 129 -6.72 9.24 11.44
CA MET C 129 -6.39 7.82 11.49
C MET C 129 -5.55 7.36 10.30
N TYR C 130 -4.59 6.47 10.58
CA TYR C 130 -3.74 5.82 9.55
C TYR C 130 -4.54 4.61 9.03
N LEU C 131 -4.67 4.48 7.71
CA LEU C 131 -5.42 3.35 7.15
C LEU C 131 -4.51 2.56 6.23
N SER C 132 -4.57 1.23 6.29
CA SER C 132 -3.76 0.38 5.43
C SER C 132 -4.38 -0.98 5.18
N LEU C 133 -3.88 -1.66 4.16
CA LEU C 133 -4.30 -3.03 3.92
C LEU C 133 -3.34 -3.85 4.82
N GLN D 3 12.48 11.06 -2.58
CA GLN D 3 12.08 9.86 -1.78
C GLN D 3 12.85 9.83 -0.45
N SER D 4 12.13 9.62 0.65
CA SER D 4 12.77 9.58 1.96
C SER D 4 12.96 8.13 2.38
N GLY D 5 13.73 7.92 3.45
CA GLY D 5 13.95 6.59 3.95
C GLY D 5 12.85 6.17 4.91
N ILE D 6 11.76 6.95 4.97
CA ILE D 6 10.63 6.69 5.87
C ILE D 6 9.38 6.16 5.14
N SER D 7 8.86 5.01 5.58
CA SER D 7 7.66 4.43 4.97
C SER D 7 6.43 5.30 5.19
N GLN D 8 5.51 5.36 4.23
CA GLN D 8 4.31 6.17 4.47
C GLN D 8 3.02 5.37 4.36
N THR D 9 1.94 5.98 4.81
CA THR D 9 0.66 5.33 4.75
C THR D 9 -0.48 6.37 4.65
N VAL D 10 -1.60 5.93 4.12
CA VAL D 10 -2.75 6.83 3.97
C VAL D 10 -3.21 7.33 5.34
N ILE D 11 -3.52 8.63 5.44
CA ILE D 11 -4.03 9.21 6.69
C ILE D 11 -5.28 10.02 6.40
N VAL D 12 -6.40 9.72 7.07
CA VAL D 12 -7.62 10.51 6.87
C VAL D 12 -7.95 11.27 8.16
N GLY D 13 -8.55 12.44 7.99
CA GLY D 13 -8.90 13.33 9.11
C GLY D 13 -8.25 14.70 8.88
N PRO D 14 -8.25 15.55 9.91
CA PRO D 14 -8.81 15.22 11.21
C PRO D 14 -10.28 15.55 11.39
N TRP D 15 -10.87 14.97 12.44
CA TRP D 15 -12.23 15.25 12.83
C TRP D 15 -12.17 15.86 14.23
N GLY D 16 -13.16 16.69 14.57
CA GLY D 16 -13.21 17.30 15.88
C GLY D 16 -12.98 18.80 15.84
N ALA D 17 -12.26 19.19 14.82
CA ALA D 17 -11.89 20.57 14.58
C ALA D 17 -10.86 20.31 13.48
N LYS D 18 -9.74 21.01 13.51
CA LYS D 18 -8.74 20.75 12.49
C LYS D 18 -7.35 20.98 13.07
N GLY E 1 17.64 0.96 -27.21
CA GLY E 1 16.24 0.57 -27.50
C GLY E 1 15.24 1.66 -27.21
N LYS E 2 13.96 1.30 -27.26
CA LYS E 2 12.86 2.22 -27.01
C LYS E 2 12.28 1.91 -25.63
N ALA E 3 12.31 2.87 -24.73
CA ALA E 3 11.76 2.63 -23.40
C ALA E 3 10.26 2.51 -23.38
N PHE E 4 9.73 1.71 -22.45
CA PHE E 4 8.28 1.63 -22.30
C PHE E 4 7.90 1.56 -20.82
N ASP E 5 6.66 1.94 -20.51
CA ASP E 5 6.18 1.89 -19.12
C ASP E 5 4.65 1.73 -19.14
N ASP E 6 4.17 0.52 -18.88
CA ASP E 6 2.72 0.26 -18.89
C ASP E 6 2.00 0.87 -17.71
N GLY E 7 2.71 0.99 -16.59
CA GLY E 7 2.11 1.52 -15.39
C GLY E 7 1.57 0.36 -14.56
N ALA E 8 0.71 0.64 -13.59
CA ALA E 8 0.16 -0.39 -12.69
C ALA E 8 -1.33 -0.65 -12.92
N PHE E 9 -1.75 -1.90 -12.74
CA PHE E 9 -3.15 -2.31 -12.93
C PHE E 9 -3.61 -3.14 -11.75
N THR E 10 -4.65 -3.95 -11.90
CA THR E 10 -5.06 -4.72 -10.74
C THR E 10 -4.67 -6.19 -10.75
N GLY E 11 -3.97 -6.61 -11.81
CA GLY E 11 -3.50 -7.98 -11.88
C GLY E 11 -3.06 -8.38 -13.27
N ILE E 12 -2.72 -9.65 -13.44
CA ILE E 12 -2.28 -10.15 -14.74
C ILE E 12 -3.16 -11.32 -15.24
N ARG E 13 -3.66 -11.16 -16.46
CA ARG E 13 -4.48 -12.20 -17.08
C ARG E 13 -3.75 -13.03 -18.14
N GLU E 14 -2.86 -12.39 -18.90
CA GLU E 14 -2.14 -13.12 -19.95
C GLU E 14 -0.86 -12.39 -20.37
N ILE E 15 0.18 -13.13 -20.69
CA ILE E 15 1.43 -12.53 -21.15
C ILE E 15 1.68 -13.09 -22.54
N ASN E 16 1.97 -12.20 -23.49
CA ASN E 16 2.26 -12.62 -24.85
C ASN E 16 3.64 -12.10 -25.16
N LEU E 17 4.62 -12.99 -25.25
CA LEU E 17 6.02 -12.61 -25.54
C LEU E 17 6.56 -13.44 -26.68
N SER E 18 7.73 -13.05 -27.21
CA SER E 18 8.33 -13.85 -28.26
C SER E 18 9.81 -14.00 -27.92
N TYR E 19 10.46 -15.03 -28.47
CA TYR E 19 11.88 -15.24 -28.21
C TYR E 19 12.49 -16.03 -29.37
N ASN E 20 13.81 -16.18 -29.32
CA ASN E 20 14.58 -16.92 -30.29
C ASN E 20 15.58 -17.78 -29.50
N LYS E 21 15.65 -19.08 -29.81
CA LYS E 21 16.51 -20.03 -29.10
C LYS E 21 18.01 -19.76 -29.20
N GLU E 22 18.42 -18.94 -30.15
CA GLU E 22 19.84 -18.63 -30.33
C GLU E 22 20.23 -17.25 -29.80
N THR E 23 19.23 -16.39 -29.57
CA THR E 23 19.52 -15.04 -29.11
C THR E 23 18.94 -14.64 -27.76
N ALA E 24 17.73 -14.07 -27.76
CA ALA E 24 17.14 -13.61 -26.51
C ALA E 24 15.66 -13.31 -26.63
N ILE E 25 15.09 -12.68 -25.60
CA ILE E 25 13.66 -12.33 -25.62
C ILE E 25 13.44 -11.18 -26.60
N GLY E 26 12.32 -11.21 -27.33
CA GLY E 26 11.98 -10.14 -28.27
C GLY E 26 10.81 -9.27 -27.84
N ASP E 27 9.62 -9.55 -28.35
CA ASP E 27 8.43 -8.76 -28.04
C ASP E 27 7.87 -9.10 -26.66
N PHE E 28 7.17 -8.14 -26.08
CA PHE E 28 6.56 -8.31 -24.77
C PHE E 28 5.25 -7.53 -24.70
N GLN E 29 4.17 -8.21 -24.30
CA GLN E 29 2.87 -7.56 -24.21
C GLN E 29 2.06 -8.21 -23.10
N VAL E 30 1.30 -7.41 -22.35
CA VAL E 30 0.51 -7.96 -21.26
C VAL E 30 -0.98 -7.60 -21.33
N VAL E 31 -1.82 -8.60 -21.04
CA VAL E 31 -3.26 -8.38 -20.92
C VAL E 31 -3.42 -8.35 -19.42
N TYR E 32 -3.65 -7.15 -18.89
CA TYR E 32 -3.80 -6.97 -17.46
C TYR E 32 -5.25 -7.12 -17.05
N ASP E 33 -5.46 -7.22 -15.74
CA ASP E 33 -6.82 -7.19 -15.25
C ASP E 33 -6.94 -5.74 -14.79
N LEU E 34 -8.07 -5.11 -15.05
CA LEU E 34 -8.28 -3.75 -14.55
C LEU E 34 -9.69 -3.73 -13.95
N ASN E 35 -9.74 -3.80 -12.63
CA ASN E 35 -11.01 -3.76 -11.92
C ASN E 35 -11.99 -4.88 -12.28
N GLY E 36 -11.44 -6.05 -12.61
CA GLY E 36 -12.27 -7.21 -12.94
C GLY E 36 -12.58 -7.45 -14.41
N SER E 37 -12.06 -6.59 -15.27
CA SER E 37 -12.25 -6.70 -16.72
C SER E 37 -10.87 -6.66 -17.37
N PRO E 38 -10.71 -7.30 -18.55
CA PRO E 38 -9.42 -7.32 -19.25
C PRO E 38 -9.04 -5.92 -19.74
N TYR E 39 -7.75 -5.61 -19.74
CA TYR E 39 -7.25 -4.35 -20.29
C TYR E 39 -6.07 -4.76 -21.19
N VAL E 40 -6.21 -4.48 -22.47
CA VAL E 40 -5.19 -4.88 -23.43
C VAL E 40 -4.00 -3.94 -23.48
N GLY E 41 -2.87 -4.42 -22.98
CA GLY E 41 -1.68 -3.61 -22.95
C GLY E 41 -1.06 -3.35 -24.31
N GLN E 42 -0.28 -2.29 -24.42
CA GLN E 42 0.41 -1.94 -25.63
C GLN E 42 1.37 -3.10 -25.92
N ASN E 43 1.57 -3.41 -27.20
CA ASN E 43 2.51 -4.46 -27.58
C ASN E 43 3.88 -3.81 -27.81
N HIS E 44 4.88 -4.18 -27.01
CA HIS E 44 6.22 -3.60 -27.14
C HIS E 44 7.00 -4.49 -28.06
N LYS E 45 7.26 -4.00 -29.27
CA LYS E 45 7.94 -4.80 -30.27
C LYS E 45 9.39 -4.52 -30.57
N SER E 46 10.11 -5.60 -30.86
CA SER E 46 11.52 -5.58 -31.20
C SER E 46 11.70 -4.77 -32.51
N PHE E 47 12.92 -4.27 -32.73
CA PHE E 47 13.25 -3.51 -33.96
C PHE E 47 13.35 -4.51 -35.13
N ILE E 48 13.31 -5.80 -34.80
CA ILE E 48 13.36 -6.84 -35.83
C ILE E 48 12.23 -7.85 -35.65
N THR E 49 12.11 -8.78 -36.59
CA THR E 49 11.08 -9.80 -36.51
C THR E 49 11.71 -11.16 -36.78
N GLY E 50 10.92 -12.21 -36.65
CA GLY E 50 11.42 -13.56 -36.88
C GLY E 50 11.46 -14.37 -35.59
N PHE E 51 10.72 -13.90 -34.58
CA PHE E 51 10.67 -14.57 -33.26
C PHE E 51 9.56 -15.62 -33.16
N THR E 52 9.67 -16.48 -32.16
CA THR E 52 8.66 -17.51 -31.89
C THR E 52 7.71 -16.95 -30.81
N PRO E 53 6.42 -16.76 -31.12
CA PRO E 53 5.47 -16.23 -30.13
C PRO E 53 4.98 -17.28 -29.14
N VAL E 54 4.73 -16.84 -27.91
CA VAL E 54 4.24 -17.71 -26.84
C VAL E 54 3.11 -16.98 -26.14
N LYS E 55 2.04 -17.70 -25.81
CA LYS E 55 0.91 -17.11 -25.09
C LYS E 55 0.78 -17.82 -23.74
N ILE E 56 0.89 -17.06 -22.66
CA ILE E 56 0.77 -17.62 -21.30
C ILE E 56 -0.57 -17.14 -20.76
N SER E 57 -1.60 -17.98 -20.81
CA SER E 57 -2.95 -17.61 -20.34
C SER E 57 -3.20 -18.09 -18.93
N LEU E 58 -3.28 -17.18 -17.96
CA LEU E 58 -3.49 -17.59 -16.59
C LEU E 58 -4.96 -17.78 -16.20
N ASP E 59 -5.22 -18.70 -15.27
CA ASP E 59 -6.58 -18.96 -14.77
C ASP E 59 -6.86 -17.90 -13.68
N PHE E 60 -7.02 -16.65 -14.12
CA PHE E 60 -7.29 -15.51 -13.24
C PHE E 60 -8.72 -15.60 -12.73
N PRO E 61 -8.96 -15.23 -11.45
CA PRO E 61 -8.03 -14.73 -10.44
C PRO E 61 -7.32 -15.75 -9.56
N SER E 62 -7.69 -17.03 -9.62
CA SER E 62 -7.05 -17.99 -8.72
C SER E 62 -5.59 -18.34 -9.00
N GLU E 63 -5.17 -18.21 -10.25
CA GLU E 63 -3.78 -18.50 -10.62
C GLU E 63 -3.03 -17.19 -10.77
N TYR E 64 -1.86 -17.10 -10.14
CA TYR E 64 -1.05 -15.88 -10.23
C TYR E 64 0.45 -16.20 -10.13
N ILE E 65 1.27 -15.31 -10.67
CA ILE E 65 2.72 -15.49 -10.67
C ILE E 65 3.34 -15.37 -9.26
N MET E 66 4.12 -16.39 -8.88
CA MET E 66 4.84 -16.43 -7.60
C MET E 66 6.36 -16.24 -7.79
N GLU E 67 6.91 -16.41 -9.01
CA GLU E 67 8.36 -16.18 -9.21
C GLU E 67 8.71 -15.91 -10.66
N VAL E 68 9.48 -14.85 -10.88
CA VAL E 68 9.96 -14.52 -12.24
C VAL E 68 11.47 -14.73 -12.20
N SER E 69 11.98 -15.55 -13.12
CA SER E 69 13.41 -15.78 -13.15
C SER E 69 13.91 -15.77 -14.57
N GLY E 70 15.23 -15.78 -14.73
CA GLY E 70 15.74 -15.76 -16.11
C GLY E 70 17.23 -15.58 -16.16
N TYR E 71 17.74 -15.15 -17.31
CA TYR E 71 19.19 -14.94 -17.45
C TYR E 71 19.47 -13.65 -18.23
N THR E 72 20.50 -12.91 -17.85
CA THR E 72 20.88 -11.76 -18.66
C THR E 72 22.27 -12.08 -19.21
N GLY E 73 22.56 -11.56 -20.40
CA GLY E 73 23.85 -11.84 -20.97
C GLY E 73 24.13 -11.04 -22.22
N ASN E 74 25.33 -11.20 -22.73
CA ASN E 74 25.78 -10.49 -23.91
C ASN E 74 25.27 -11.11 -25.20
N VAL E 75 24.85 -10.26 -26.14
CA VAL E 75 24.41 -10.74 -27.45
C VAL E 75 24.84 -9.61 -28.39
N SER E 76 25.78 -9.91 -29.27
CA SER E 76 26.28 -8.91 -30.20
C SER E 76 26.83 -7.68 -29.49
N GLY E 77 27.55 -7.88 -28.39
CA GLY E 77 28.15 -6.75 -27.70
C GLY E 77 27.39 -5.98 -26.63
N TYR E 78 26.12 -6.31 -26.44
CA TYR E 78 25.34 -5.61 -25.41
C TYR E 78 24.55 -6.57 -24.54
N VAL E 79 24.31 -6.14 -23.29
CA VAL E 79 23.58 -6.95 -22.32
C VAL E 79 22.08 -6.93 -22.63
N VAL E 80 21.46 -8.11 -22.66
CA VAL E 80 20.04 -8.20 -22.89
C VAL E 80 19.46 -9.29 -22.00
N VAL E 81 18.14 -9.36 -21.94
CA VAL E 81 17.48 -10.39 -21.18
C VAL E 81 17.40 -11.59 -22.11
N ARG E 82 18.20 -12.61 -21.85
CA ARG E 82 18.26 -13.78 -22.71
C ARG E 82 17.19 -14.85 -22.51
N SER E 83 16.67 -14.96 -21.28
CA SER E 83 15.69 -16.01 -20.98
C SER E 83 14.78 -15.58 -19.87
N LEU E 84 13.57 -16.13 -19.88
CA LEU E 84 12.58 -15.85 -18.84
C LEU E 84 11.76 -17.08 -18.49
N THR E 85 11.48 -17.22 -17.20
CA THR E 85 10.63 -18.31 -16.70
C THR E 85 9.61 -17.70 -15.74
N PHE E 86 8.33 -18.07 -15.87
CA PHE E 86 7.29 -17.54 -14.97
C PHE E 86 6.71 -18.73 -14.21
N LYS E 87 6.81 -18.70 -12.89
CA LYS E 87 6.27 -19.79 -12.08
C LYS E 87 5.02 -19.29 -11.34
N THR E 88 3.90 -20.00 -11.44
CA THR E 88 2.71 -19.57 -10.70
C THR E 88 2.45 -20.56 -9.57
N ASN E 89 1.39 -20.33 -8.81
CA ASN E 89 1.04 -21.20 -7.70
C ASN E 89 0.56 -22.57 -8.22
N LYS E 90 0.35 -22.67 -9.54
CA LYS E 90 -0.12 -23.93 -10.14
C LYS E 90 0.82 -24.58 -11.16
N LYS E 91 1.46 -23.76 -11.98
CA LYS E 91 2.33 -24.27 -13.03
C LYS E 91 3.57 -23.44 -13.32
N THR E 92 4.48 -24.03 -14.08
CA THR E 92 5.68 -23.35 -14.52
C THR E 92 5.57 -23.10 -16.02
N TYR E 93 5.94 -21.89 -16.45
CA TYR E 93 5.94 -21.53 -17.86
C TYR E 93 7.35 -21.09 -18.26
N GLY E 94 8.02 -21.92 -19.05
CA GLY E 94 9.37 -21.60 -19.48
C GLY E 94 10.32 -22.73 -19.12
N PRO E 95 11.65 -22.55 -19.29
CA PRO E 95 12.30 -21.35 -19.80
C PRO E 95 12.11 -21.05 -21.28
N TYR E 96 12.02 -19.76 -21.60
CA TYR E 96 11.88 -19.28 -22.97
C TYR E 96 13.15 -18.50 -23.28
N GLY E 97 13.83 -18.86 -24.37
CA GLY E 97 15.05 -18.14 -24.71
C GLY E 97 16.29 -19.00 -24.53
N VAL E 98 17.40 -18.37 -24.17
CA VAL E 98 18.68 -19.02 -23.97
C VAL E 98 19.09 -18.96 -22.51
N THR E 99 19.17 -20.11 -21.86
CA THR E 99 19.52 -20.13 -20.43
C THR E 99 21.01 -20.05 -20.11
N SER E 100 21.66 -18.98 -20.51
CA SER E 100 23.08 -18.84 -20.19
C SER E 100 23.41 -17.39 -19.91
N GLY E 101 24.44 -17.19 -19.11
CA GLY E 101 24.86 -15.86 -18.73
C GLY E 101 24.76 -15.77 -17.22
N THR E 102 24.24 -14.66 -16.71
CA THR E 102 24.08 -14.42 -15.27
C THR E 102 22.62 -14.62 -14.88
N PRO E 103 22.32 -15.54 -13.94
CA PRO E 103 20.91 -15.73 -13.57
C PRO E 103 20.39 -14.62 -12.63
N PHE E 104 19.07 -14.50 -12.51
CA PHE E 104 18.43 -13.56 -11.59
C PHE E 104 17.09 -14.23 -11.28
N ASN E 105 16.51 -13.93 -10.13
CA ASN E 105 15.23 -14.52 -9.82
C ASN E 105 14.55 -13.68 -8.79
N LEU E 106 13.25 -13.51 -8.99
CA LEU E 106 12.45 -12.72 -8.07
C LEU E 106 11.30 -13.54 -7.54
N PRO E 107 11.51 -14.23 -6.38
CA PRO E 107 10.42 -15.02 -5.81
C PRO E 107 9.56 -14.08 -4.95
N ILE E 108 8.25 -14.31 -4.94
CA ILE E 108 7.34 -13.47 -4.17
C ILE E 108 6.61 -14.29 -3.11
N GLU E 109 6.81 -13.94 -1.85
CA GLU E 109 6.19 -14.66 -0.74
C GLU E 109 4.77 -14.12 -0.45
N ASN E 110 4.59 -12.81 -0.59
CA ASN E 110 3.28 -12.20 -0.40
C ASN E 110 3.16 -10.98 -1.32
N GLY E 111 2.03 -10.88 -2.03
CA GLY E 111 1.84 -9.74 -2.91
C GLY E 111 1.74 -10.16 -4.37
N LEU E 112 1.60 -9.18 -5.26
CA LEU E 112 1.41 -9.44 -6.69
C LEU E 112 2.15 -8.51 -7.65
N ILE E 113 2.49 -9.03 -8.83
CA ILE E 113 3.10 -8.19 -9.87
C ILE E 113 1.88 -7.54 -10.57
N VAL E 114 1.86 -6.22 -10.68
CA VAL E 114 0.72 -5.53 -11.30
C VAL E 114 1.09 -4.64 -12.50
N GLY E 115 2.33 -4.75 -12.99
CA GLY E 115 2.76 -3.94 -14.11
C GLY E 115 4.21 -4.16 -14.52
N PHE E 116 4.55 -3.79 -15.76
CA PHE E 116 5.91 -3.94 -16.29
C PHE E 116 6.36 -2.65 -16.98
N LYS E 117 7.67 -2.40 -16.97
CA LYS E 117 8.27 -1.25 -17.70
C LYS E 117 9.67 -1.74 -18.12
N GLY E 118 10.31 -1.07 -19.06
CA GLY E 118 11.62 -1.54 -19.47
C GLY E 118 12.03 -0.89 -20.77
N SER E 119 12.74 -1.63 -21.62
CA SER E 119 13.17 -1.11 -22.90
C SER E 119 13.42 -2.25 -23.85
N ILE E 120 12.99 -2.09 -25.10
CA ILE E 120 13.23 -3.14 -26.10
C ILE E 120 13.81 -2.50 -27.36
N GLY E 121 14.91 -3.10 -27.85
CA GLY E 121 15.61 -2.68 -29.06
C GLY E 121 15.46 -3.89 -29.95
N TYR E 122 16.56 -4.50 -30.38
CA TYR E 122 16.51 -5.75 -31.16
C TYR E 122 15.91 -6.78 -30.20
N TRP E 123 16.35 -6.72 -28.94
CA TRP E 123 15.87 -7.60 -27.87
C TRP E 123 15.48 -6.80 -26.63
N LEU E 124 14.86 -7.51 -25.68
CA LEU E 124 14.47 -6.88 -24.43
C LEU E 124 15.78 -6.45 -23.75
N ASP E 125 15.98 -5.13 -23.59
CA ASP E 125 17.21 -4.61 -22.97
C ASP E 125 17.24 -4.79 -21.45
N TYR E 126 16.13 -4.47 -20.79
CA TYR E 126 16.02 -4.58 -19.34
C TYR E 126 14.56 -4.43 -18.98
N PHE E 127 14.18 -4.80 -17.74
CA PHE E 127 12.79 -4.61 -17.32
C PHE E 127 12.67 -4.50 -15.81
N SER E 128 11.59 -3.87 -15.36
CA SER E 128 11.31 -3.72 -13.93
C SER E 128 9.87 -4.14 -13.70
N MET E 129 9.51 -4.43 -12.44
CA MET E 129 8.14 -4.85 -12.14
C MET E 129 7.51 -4.05 -11.00
N TYR E 130 6.22 -3.74 -11.16
CA TYR E 130 5.42 -3.02 -10.17
C TYR E 130 4.85 -4.10 -9.26
N LEU E 131 4.96 -3.94 -7.93
CA LEU E 131 4.44 -4.94 -6.98
C LEU E 131 3.45 -4.26 -6.05
N SER E 132 2.35 -4.97 -5.75
CA SER E 132 1.35 -4.38 -4.86
C SER E 132 0.57 -5.47 -4.15
N LEU E 133 -0.16 -5.09 -3.11
CA LEU E 133 -1.05 -6.04 -2.44
C LEU E 133 -2.36 -5.82 -3.24
N GLN F 3 2.79 16.66 -2.15
CA GLN F 3 2.55 15.39 -2.91
C GLN F 3 1.98 15.69 -4.29
N SER F 4 1.98 14.70 -5.17
CA SER F 4 1.41 14.93 -6.51
C SER F 4 0.10 14.18 -6.59
N GLY F 5 -0.67 14.48 -7.64
CA GLY F 5 -1.92 13.83 -7.86
C GLY F 5 -1.80 12.46 -8.47
N ILE F 6 -0.58 11.95 -8.61
CA ILE F 6 -0.37 10.63 -9.23
C ILE F 6 -0.13 9.55 -8.19
N SER F 7 -0.91 8.48 -8.25
CA SER F 7 -0.76 7.35 -7.30
C SER F 7 0.56 6.62 -7.55
N GLN F 8 1.22 6.12 -6.49
CA GLN F 8 2.45 5.38 -6.70
C GLN F 8 2.42 3.92 -6.23
N THR F 9 3.43 3.18 -6.65
CA THR F 9 3.50 1.75 -6.37
C THR F 9 4.96 1.32 -6.20
N VAL F 10 5.20 0.26 -5.45
CA VAL F 10 6.56 -0.25 -5.31
C VAL F 10 7.03 -0.76 -6.70
N ILE F 11 8.30 -0.54 -7.05
CA ILE F 11 8.83 -1.03 -8.32
C ILE F 11 10.20 -1.67 -8.03
N VAL F 12 10.43 -2.91 -8.50
CA VAL F 12 11.70 -3.57 -8.30
C VAL F 12 12.34 -3.77 -9.68
N GLY F 13 13.68 -3.70 -9.71
CA GLY F 13 14.40 -3.82 -10.97
C GLY F 13 15.24 -2.55 -11.17
N PRO F 14 15.86 -2.34 -12.34
CA PRO F 14 15.82 -3.25 -13.49
C PRO F 14 16.83 -4.38 -13.48
N TRP F 15 16.51 -5.41 -14.27
CA TRP F 15 17.39 -6.55 -14.49
C TRP F 15 17.70 -6.43 -15.98
N GLY F 16 18.99 -6.56 -16.33
CA GLY F 16 19.40 -6.44 -17.72
C GLY F 16 20.44 -5.34 -17.93
N ALA F 17 20.44 -4.73 -19.10
CA ALA F 17 21.41 -3.67 -19.41
C ALA F 17 21.28 -2.46 -18.51
N GLY G 1 18.38 -25.06 10.30
CA GLY G 1 18.70 -23.81 11.07
C GLY G 1 17.51 -23.32 11.87
N LYS G 2 17.72 -22.33 12.74
CA LYS G 2 16.61 -21.79 13.52
C LYS G 2 15.96 -20.65 12.72
N ALA G 3 14.67 -20.78 12.42
CA ALA G 3 13.99 -19.74 11.65
C ALA G 3 13.78 -18.47 12.47
N PHE G 4 13.69 -17.33 11.78
CA PHE G 4 13.41 -16.05 12.43
C PHE G 4 12.55 -15.15 11.50
N ASP G 5 11.81 -14.22 12.10
CA ASP G 5 10.99 -13.30 11.31
C ASP G 5 10.84 -12.02 12.12
N ASP G 6 11.59 -10.98 11.77
CA ASP G 6 11.50 -9.73 12.52
C ASP G 6 10.20 -8.98 12.27
N GLY G 7 9.58 -9.21 11.13
CA GLY G 7 8.36 -8.49 10.78
C GLY G 7 8.65 -7.18 10.03
N ALA G 8 7.63 -6.32 9.91
CA ALA G 8 7.77 -5.04 9.17
C ALA G 8 7.78 -3.80 10.06
N PHE G 9 8.57 -2.81 9.63
CA PHE G 9 8.79 -1.56 10.36
C PHE G 9 8.67 -0.30 9.50
N THR G 10 9.18 0.84 9.99
CA THR G 10 9.11 2.10 9.25
C THR G 10 10.34 2.36 8.37
N GLY G 11 11.42 1.64 8.62
CA GLY G 11 12.65 1.82 7.87
C GLY G 11 13.82 1.12 8.54
N ILE G 12 15.03 1.38 8.06
CA ILE G 12 16.22 0.72 8.60
C ILE G 12 17.30 1.70 9.06
N ARG G 13 17.83 1.50 10.27
CA ARG G 13 18.87 2.37 10.84
C ARG G 13 20.28 1.75 10.85
N GLU G 14 20.38 0.44 11.08
CA GLU G 14 21.71 -0.20 11.12
C GLU G 14 21.62 -1.71 10.96
N ILE G 15 22.60 -2.31 10.30
CA ILE G 15 22.66 -3.75 10.11
C ILE G 15 23.95 -4.30 10.69
N ASN G 16 23.84 -5.30 11.57
CA ASN G 16 25.00 -5.96 12.17
C ASN G 16 25.06 -7.44 11.79
N LEU G 17 26.09 -7.81 11.04
CA LEU G 17 26.26 -9.19 10.60
C LEU G 17 27.71 -9.65 10.79
N SER G 18 27.97 -10.91 10.52
CA SER G 18 29.34 -11.43 10.62
C SER G 18 29.52 -12.40 9.47
N TYR G 19 30.76 -12.62 9.07
CA TYR G 19 31.02 -13.52 7.95
C TYR G 19 32.40 -14.13 8.05
N ASN G 20 32.62 -15.20 7.29
CA ASN G 20 33.90 -15.91 7.23
C ASN G 20 34.11 -16.22 5.75
N LYS G 21 35.17 -15.66 5.17
CA LYS G 21 35.45 -15.87 3.76
C LYS G 21 35.60 -17.35 3.40
N GLU G 22 36.08 -18.17 4.33
CA GLU G 22 36.22 -19.58 4.02
C GLU G 22 34.87 -20.27 3.93
N THR G 23 33.84 -19.68 4.56
CA THR G 23 32.53 -20.30 4.59
C THR G 23 31.34 -19.45 4.10
N ALA G 24 30.58 -18.85 5.02
CA ALA G 24 29.41 -18.04 4.63
C ALA G 24 29.06 -16.97 5.66
N ILE G 25 27.90 -16.32 5.50
CA ILE G 25 27.43 -15.31 6.43
C ILE G 25 27.10 -16.06 7.72
N GLY G 26 27.33 -15.42 8.87
CA GLY G 26 27.04 -16.02 10.16
C GLY G 26 25.90 -15.32 10.90
N ASP G 27 26.23 -14.36 11.77
CA ASP G 27 25.19 -13.67 12.55
C ASP G 27 24.48 -12.59 11.72
N PHE G 28 23.26 -12.24 12.11
CA PHE G 28 22.46 -11.20 11.45
C PHE G 28 21.49 -10.56 12.46
N GLN G 29 21.59 -9.24 12.58
CA GLN G 29 20.78 -8.45 13.52
C GLN G 29 20.56 -7.06 12.92
N VAL G 30 19.37 -6.51 13.09
CA VAL G 30 19.03 -5.22 12.52
C VAL G 30 18.42 -4.24 13.51
N VAL G 31 18.83 -2.97 13.43
CA VAL G 31 18.21 -1.96 14.26
C VAL G 31 17.27 -1.24 13.28
N TYR G 32 15.97 -1.43 13.46
CA TYR G 32 15.00 -0.79 12.58
C TYR G 32 14.57 0.58 13.09
N ASP G 33 13.74 1.27 12.30
CA ASP G 33 13.13 2.51 12.78
C ASP G 33 11.67 2.13 12.98
N LEU G 34 11.09 2.53 14.11
CA LEU G 34 9.68 2.29 14.37
C LEU G 34 9.04 3.63 14.69
N ASN G 35 8.53 4.28 13.66
CA ASN G 35 7.86 5.58 13.82
C ASN G 35 8.74 6.65 14.45
N GLY G 36 10.02 6.64 14.11
CA GLY G 36 10.91 7.64 14.66
C GLY G 36 11.88 7.16 15.69
N SER G 37 11.65 5.97 16.22
CA SER G 37 12.56 5.49 17.23
C SER G 37 13.29 4.17 16.91
N PRO G 38 14.58 4.09 17.28
CA PRO G 38 15.34 2.86 17.01
C PRO G 38 14.71 1.63 17.66
N TYR G 39 14.48 0.58 16.86
CA TYR G 39 13.93 -0.66 17.37
C TYR G 39 15.06 -1.68 17.27
N VAL G 40 15.56 -2.16 18.41
CA VAL G 40 16.67 -3.12 18.40
C VAL G 40 16.18 -4.53 18.13
N GLY G 41 16.38 -5.03 16.91
CA GLY G 41 15.93 -6.38 16.60
C GLY G 41 16.73 -7.46 17.35
N GLN G 42 16.12 -8.65 17.49
CA GLN G 42 16.80 -9.76 18.16
C GLN G 42 18.02 -10.17 17.34
N ASN G 43 19.10 -10.56 18.03
CA ASN G 43 20.32 -11.00 17.35
C ASN G 43 20.07 -12.46 16.98
N HIS G 44 20.21 -12.78 15.70
CA HIS G 44 20.01 -14.14 15.23
C HIS G 44 21.44 -14.66 15.07
N LYS G 45 21.84 -15.56 15.96
CA LYS G 45 23.21 -16.05 15.95
C LYS G 45 23.50 -17.41 15.36
N SER G 46 24.72 -17.52 14.82
CA SER G 46 25.20 -18.77 14.26
C SER G 46 25.43 -19.71 15.44
N PHE G 47 25.38 -21.02 15.20
CA PHE G 47 25.62 -22.00 16.29
C PHE G 47 27.13 -22.09 16.60
N ILE G 48 27.96 -21.61 15.68
CA ILE G 48 29.42 -21.65 15.87
C ILE G 48 30.08 -20.26 15.90
N THR G 49 31.38 -20.19 16.14
CA THR G 49 32.10 -18.91 16.19
C THR G 49 33.21 -18.83 15.14
N GLY G 50 34.05 -17.80 15.21
CA GLY G 50 35.15 -17.64 14.26
C GLY G 50 34.91 -16.64 13.13
N PHE G 51 33.79 -15.94 13.20
CA PHE G 51 33.39 -14.96 12.19
C PHE G 51 33.99 -13.57 12.38
N THR G 52 34.00 -12.78 11.29
CA THR G 52 34.47 -11.38 11.32
C THR G 52 33.22 -10.51 11.40
N PRO G 53 33.13 -9.64 12.42
CA PRO G 53 31.97 -8.76 12.58
C PRO G 53 31.94 -7.53 11.67
N VAL G 54 30.74 -7.14 11.24
CA VAL G 54 30.51 -5.97 10.38
C VAL G 54 29.32 -5.17 10.92
N LYS G 55 29.46 -3.83 10.93
CA LYS G 55 28.38 -2.94 11.38
C LYS G 55 28.15 -1.93 10.29
N ILE G 56 26.92 -1.86 9.81
CA ILE G 56 26.54 -0.93 8.76
C ILE G 56 25.62 0.13 9.37
N SER G 57 26.17 1.31 9.72
CA SER G 57 25.35 2.38 10.32
C SER G 57 24.86 3.37 9.28
N LEU G 58 23.56 3.32 8.95
CA LEU G 58 23.01 4.22 7.94
C LEU G 58 22.61 5.60 8.48
N ASP G 59 22.79 6.62 7.66
CA ASP G 59 22.42 7.99 8.02
C ASP G 59 20.92 8.15 7.74
N PHE G 60 20.10 7.48 8.57
CA PHE G 60 18.62 7.49 8.46
C PHE G 60 18.07 8.84 8.88
N PRO G 61 17.05 9.38 8.16
CA PRO G 61 16.34 8.87 6.97
C PRO G 61 16.91 9.33 5.63
N SER G 62 17.98 10.11 5.65
CA SER G 62 18.60 10.60 4.41
C SER G 62 19.16 9.47 3.54
N GLU G 63 19.71 8.45 4.21
CA GLU G 63 20.31 7.33 3.52
C GLU G 63 19.47 6.06 3.63
N TYR G 64 19.28 5.37 2.51
CA TYR G 64 18.48 4.13 2.55
C TYR G 64 18.97 3.17 1.47
N ILE G 65 18.73 1.87 1.69
CA ILE G 65 19.15 0.86 0.76
C ILE G 65 18.38 0.91 -0.55
N MET G 66 19.14 0.82 -1.65
CA MET G 66 18.59 0.85 -2.99
C MET G 66 18.77 -0.47 -3.70
N GLU G 67 19.64 -1.34 -3.21
CA GLU G 67 19.84 -2.66 -3.81
C GLU G 67 20.52 -3.62 -2.83
N VAL G 68 20.07 -4.88 -2.83
CA VAL G 68 20.63 -5.94 -1.98
C VAL G 68 21.00 -7.06 -2.97
N SER G 69 22.24 -7.54 -2.90
CA SER G 69 22.67 -8.60 -3.80
C SER G 69 23.56 -9.57 -3.01
N GLY G 70 23.84 -10.72 -3.62
CA GLY G 70 24.69 -11.71 -2.95
C GLY G 70 24.88 -13.00 -3.72
N TYR G 71 25.38 -14.01 -3.02
CA TYR G 71 25.61 -15.32 -3.59
C TYR G 71 25.15 -16.44 -2.67
N THR G 72 24.56 -17.49 -3.24
CA THR G 72 24.16 -18.65 -2.45
C THR G 72 24.97 -19.85 -2.98
N GLY G 73 25.38 -20.75 -2.07
CA GLY G 73 26.16 -21.91 -2.48
C GLY G 73 26.33 -22.96 -1.40
N ASN G 74 27.02 -24.06 -1.72
CA ASN G 74 27.21 -25.14 -0.76
C ASN G 74 28.40 -25.03 0.17
N VAL G 75 28.16 -25.35 1.45
CA VAL G 75 29.20 -25.34 2.49
C VAL G 75 28.93 -26.55 3.39
N SER G 76 29.86 -27.51 3.38
CA SER G 76 29.68 -28.74 4.17
C SER G 76 28.38 -29.41 3.78
N GLY G 77 28.05 -29.32 2.49
CA GLY G 77 26.82 -29.94 1.98
C GLY G 77 25.53 -29.15 2.10
N TYR G 78 25.52 -28.09 2.89
CA TYR G 78 24.31 -27.29 3.06
C TYR G 78 24.33 -26.10 2.12
N VAL G 79 23.18 -25.73 1.56
CA VAL G 79 23.05 -24.56 0.68
C VAL G 79 22.79 -23.36 1.61
N VAL G 80 23.68 -22.38 1.58
CA VAL G 80 23.58 -21.21 2.44
C VAL G 80 23.87 -19.91 1.68
N VAL G 81 23.70 -18.77 2.34
CA VAL G 81 24.00 -17.48 1.74
C VAL G 81 25.49 -17.23 2.06
N ARG G 82 26.33 -17.31 1.02
CA ARG G 82 27.77 -17.13 1.18
C ARG G 82 28.29 -15.69 1.19
N SER G 83 27.56 -14.77 0.56
CA SER G 83 27.98 -13.37 0.47
C SER G 83 26.79 -12.39 0.36
N LEU G 84 27.01 -11.15 0.83
CA LEU G 84 25.98 -10.11 0.77
C LEU G 84 26.60 -8.74 0.48
N THR G 85 25.89 -7.91 -0.29
CA THR G 85 26.36 -6.55 -0.56
C THR G 85 25.13 -5.62 -0.42
N PHE G 86 25.29 -4.50 0.28
CA PHE G 86 24.19 -3.54 0.47
C PHE G 86 24.53 -2.17 -0.15
N LYS G 87 23.80 -1.79 -1.20
CA LYS G 87 24.05 -0.48 -1.81
C LYS G 87 22.98 0.52 -1.40
N THR G 88 23.40 1.73 -0.99
CA THR G 88 22.46 2.81 -0.62
C THR G 88 22.57 3.93 -1.64
N ASN G 89 21.83 5.01 -1.43
CA ASN G 89 21.86 6.17 -2.32
C ASN G 89 23.10 7.02 -2.03
N LYS G 90 23.92 6.56 -1.10
CA LYS G 90 25.14 7.28 -0.68
C LYS G 90 26.43 6.49 -0.83
N LYS G 91 26.40 5.20 -0.48
CA LYS G 91 27.59 4.35 -0.51
C LYS G 91 27.29 2.86 -0.75
N THR G 92 28.36 2.08 -0.91
CA THR G 92 28.21 0.63 -1.09
C THR G 92 28.93 -0.10 0.04
N TYR G 93 28.21 -1.00 0.71
CA TYR G 93 28.75 -1.78 1.83
C TYR G 93 28.87 -3.23 1.44
N GLY G 94 30.10 -3.70 1.29
CA GLY G 94 30.31 -5.08 0.91
C GLY G 94 31.14 -5.16 -0.35
N PRO G 95 31.32 -6.36 -0.91
CA PRO G 95 30.77 -7.63 -0.40
C PRO G 95 31.40 -8.19 0.88
N TYR G 96 30.60 -8.93 1.64
CA TYR G 96 31.04 -9.60 2.86
C TYR G 96 30.87 -11.05 2.51
N GLY G 97 32.00 -11.75 2.39
CA GLY G 97 31.97 -13.16 2.01
C GLY G 97 32.42 -13.26 0.56
N VAL G 98 32.96 -14.40 0.18
CA VAL G 98 33.44 -14.58 -1.19
C VAL G 98 32.31 -14.57 -2.23
N THR G 99 32.54 -13.85 -3.33
CA THR G 99 31.54 -13.76 -4.39
C THR G 99 31.58 -14.90 -5.40
N SER G 100 31.26 -16.10 -4.93
CA SER G 100 31.23 -17.34 -5.75
C SER G 100 29.96 -18.09 -5.41
N GLY G 101 29.39 -18.77 -6.40
CA GLY G 101 28.16 -19.51 -6.20
C GLY G 101 27.12 -19.03 -7.19
N THR G 102 25.84 -19.12 -6.84
CA THR G 102 24.76 -18.64 -7.71
C THR G 102 24.38 -17.22 -7.27
N PRO G 103 24.48 -16.21 -8.18
CA PRO G 103 24.14 -14.83 -7.79
C PRO G 103 22.65 -14.52 -7.71
N PHE G 104 22.32 -13.45 -7.00
CA PHE G 104 20.96 -12.95 -6.92
C PHE G 104 21.06 -11.45 -6.62
N ASN G 105 20.07 -10.69 -7.07
CA ASN G 105 20.10 -9.26 -6.78
C ASN G 105 18.70 -8.65 -6.81
N LEU G 106 18.46 -7.75 -5.87
CA LEU G 106 17.18 -7.06 -5.77
C LEU G 106 17.36 -5.56 -5.77
N PRO G 107 17.33 -4.94 -6.96
CA PRO G 107 17.46 -3.49 -7.03
C PRO G 107 16.06 -2.90 -6.75
N ILE G 108 15.97 -1.76 -6.08
CA ILE G 108 14.66 -1.15 -5.80
C ILE G 108 14.58 0.20 -6.48
N GLU G 109 13.63 0.32 -7.41
CA GLU G 109 13.43 1.54 -8.19
C GLU G 109 12.52 2.54 -7.46
N ASN G 110 11.51 2.03 -6.74
CA ASN G 110 10.61 2.87 -5.93
C ASN G 110 10.19 2.01 -4.73
N GLY G 111 10.32 2.58 -3.52
CA GLY G 111 9.94 1.81 -2.34
C GLY G 111 11.08 1.63 -1.36
N LEU G 112 10.81 0.88 -0.29
CA LEU G 112 11.77 0.67 0.80
C LEU G 112 11.75 -0.74 1.39
N ILE G 113 12.92 -1.21 1.84
CA ILE G 113 13.04 -2.49 2.53
C ILE G 113 12.66 -2.13 3.99
N VAL G 114 11.67 -2.82 4.55
CA VAL G 114 11.23 -2.49 5.89
C VAL G 114 11.25 -3.65 6.89
N GLY G 115 11.91 -4.74 6.53
CA GLY G 115 11.97 -5.89 7.44
C GLY G 115 12.67 -7.08 6.81
N PHE G 116 13.17 -8.00 7.68
CA PHE G 116 13.87 -9.21 7.22
C PHE G 116 13.35 -10.45 7.98
N LYS G 117 13.43 -11.60 7.31
CA LYS G 117 13.07 -12.90 7.90
C LYS G 117 13.98 -13.94 7.29
N GLY G 118 14.11 -15.12 7.91
CA GLY G 118 14.99 -16.14 7.37
C GLY G 118 15.26 -17.32 8.33
N SER G 119 16.46 -17.87 8.24
CA SER G 119 16.88 -19.01 9.08
C SER G 119 18.42 -19.05 9.15
N ILE G 120 18.96 -19.30 10.34
CA ILE G 120 20.39 -19.37 10.57
C ILE G 120 20.74 -20.61 11.47
N GLY G 121 21.69 -21.43 11.01
CA GLY G 121 22.15 -22.61 11.74
C GLY G 121 23.62 -22.29 11.96
N TYR G 122 24.52 -23.05 11.34
CA TYR G 122 25.94 -22.71 11.44
C TYR G 122 26.11 -21.42 10.59
N TRP G 123 25.31 -21.33 9.53
CA TRP G 123 25.37 -20.17 8.62
C TRP G 123 23.96 -19.68 8.25
N LEU G 124 23.86 -18.50 7.64
CA LEU G 124 22.57 -17.97 7.19
C LEU G 124 22.06 -18.91 6.08
N ASP G 125 20.99 -19.65 6.35
CA ASP G 125 20.42 -20.60 5.37
C ASP G 125 19.65 -19.97 4.21
N TYR G 126 18.84 -18.96 4.52
CA TYR G 126 18.03 -18.28 3.50
C TYR G 126 17.42 -17.03 4.15
N PHE G 127 16.91 -16.09 3.34
CA PHE G 127 16.29 -14.90 3.91
C PHE G 127 15.32 -14.28 2.89
N SER G 128 14.37 -13.48 3.40
CA SER G 128 13.35 -12.78 2.58
C SER G 128 13.25 -11.34 3.11
N MET G 129 12.72 -10.41 2.30
CA MET G 129 12.62 -9.01 2.72
C MET G 129 11.23 -8.44 2.51
N TYR G 130 10.77 -7.65 3.48
CA TYR G 130 9.47 -6.97 3.44
C TYR G 130 9.68 -5.65 2.67
N LEU G 131 8.81 -5.34 1.70
CA LEU G 131 8.92 -4.09 0.93
C LEU G 131 7.67 -3.22 1.10
N SER G 132 7.85 -1.89 1.15
CA SER G 132 6.70 -0.98 1.28
C SER G 132 6.97 0.42 0.74
N LEU G 133 5.91 1.21 0.50
CA LEU G 133 6.06 2.61 0.09
C LEU G 133 6.21 3.30 1.45
N SER H 4 -8.64 -10.31 7.66
CA SER H 4 -8.64 -10.28 9.16
C SER H 4 -8.12 -8.94 9.67
N GLY H 5 -7.78 -8.89 10.96
CA GLY H 5 -7.28 -7.67 11.54
C GLY H 5 -5.77 -7.45 11.46
N ILE H 6 -5.07 -8.28 10.70
CA ILE H 6 -3.61 -8.13 10.59
C ILE H 6 -3.20 -7.41 9.30
N SER H 7 -2.46 -6.32 9.45
CA SER H 7 -1.97 -5.55 8.29
C SER H 7 -0.97 -6.36 7.46
N GLN H 8 -1.09 -6.29 6.14
CA GLN H 8 -0.23 -7.06 5.24
C GLN H 8 0.84 -6.18 4.59
N THR H 9 1.90 -6.83 4.11
CA THR H 9 3.02 -6.15 3.48
C THR H 9 3.55 -7.06 2.37
N VAL H 10 4.01 -6.47 1.27
CA VAL H 10 4.63 -7.23 0.18
C VAL H 10 5.92 -7.89 0.73
N ILE H 11 6.19 -9.14 0.38
CA ILE H 11 7.44 -9.80 0.80
C ILE H 11 8.08 -10.51 -0.38
N VAL H 12 9.36 -10.23 -0.65
CA VAL H 12 10.05 -10.92 -1.76
C VAL H 12 11.10 -11.89 -1.17
N GLY H 13 11.35 -12.99 -1.88
CA GLY H 13 12.30 -14.01 -1.41
C GLY H 13 11.56 -15.34 -1.23
N PRO H 14 12.18 -16.37 -0.61
CA PRO H 14 13.52 -16.34 -0.06
C PRO H 14 14.61 -16.69 -1.06
N TRP H 15 15.81 -16.26 -0.72
CA TRP H 15 17.00 -16.58 -1.47
C TRP H 15 17.81 -17.46 -0.50
N GLY H 16 18.39 -18.54 -1.02
CA GLY H 16 19.15 -19.46 -0.18
C GLY H 16 18.59 -20.86 -0.31
N ALA H 17 18.61 -21.63 0.78
CA ALA H 17 18.10 -23.00 0.77
C ALA H 17 16.59 -23.01 0.73
N LYS H 18 16.01 -24.12 0.30
CA LYS H 18 14.54 -24.23 0.26
C LYS H 18 13.96 -24.47 1.65
#